data_5NNS
#
_entry.id   5NNS
#
_cell.length_a   53.695
_cell.length_b   46.375
_cell.length_c   86.492
_cell.angle_alpha   90.00
_cell.angle_beta   103.23
_cell.angle_gamma   90.00
#
_symmetry.space_group_name_H-M   'P 1 21 1'
#
loop_
_entity.id
_entity.type
_entity.pdbx_description
1 polymer 'Glycosyl hydrolase family 61, 2 protein'
2 non-polymer 2-acetamido-2-deoxy-beta-D-glucopyranose
3 non-polymer 'COPPER (II) ION'
4 non-polymer GLYCEROL
5 non-polymer 'ACRYLIC ACID'
6 non-polymer 'SODIUM ION'
7 water water
#
_entity_poly.entity_id   1
_entity_poly.type   'polypeptide(L)'
_entity_poly.pdbx_seq_one_letter_code
;HGGVLAYSLAGTWYNGFVPYNTPTGQSTIQREWDTYNPITDPTDASISCNINGASLGSAQKSATVAAGSSVTAYWNQWPH
TIGPVMVYMANCGGDCTTATTSSLEWFKINQVGLVSGTLTSGTWGMGQLVANNNSWTTSIPSSLAAGNYILRHELLAIHT
SNQPQFYPECAQLIVTGGEGATPPASYLVKLPGAYSMSDPGVNIDIYSHETETNYTIPGPAVWQG
;
_entity_poly.pdbx_strand_id   A,B
#
loop_
_chem_comp.id
_chem_comp.type
_chem_comp.name
_chem_comp.formula
AKR non-polymer 'ACRYLIC ACID' 'C3 H4 O2'
CU non-polymer 'COPPER (II) ION' 'Cu 2'
GOL non-polymer GLYCEROL 'C3 H8 O3'
NA non-polymer 'SODIUM ION' 'Na 1'
NAG D-saccharide, beta linking 2-acetamido-2-deoxy-beta-D-glucopyranose 'C8 H15 N O6'
#
# COMPACT_ATOMS: atom_id res chain seq x y z
N HIS A 1 -26.44 0.98 14.81
CA HIS A 1 -26.46 -0.30 14.05
C HIS A 1 -27.22 -0.07 12.76
N GLY A 2 -26.65 -0.55 11.66
CA GLY A 2 -27.16 -0.25 10.34
C GLY A 2 -26.04 0.16 9.43
N GLY A 3 -26.39 0.94 8.42
CA GLY A 3 -25.42 1.45 7.47
C GLY A 3 -26.14 2.09 6.31
N VAL A 4 -25.38 2.41 5.27
CA VAL A 4 -25.91 3.02 4.06
C VAL A 4 -26.62 1.94 3.22
N LEU A 5 -27.93 2.08 3.08
CA LEU A 5 -28.76 1.15 2.34
C LEU A 5 -28.93 1.51 0.87
N ALA A 6 -28.86 2.79 0.55
CA ALA A 6 -29.06 3.27 -0.82
C ALA A 6 -28.43 4.64 -1.02
N TYR A 7 -28.38 5.07 -2.29
CA TYR A 7 -27.86 6.38 -2.66
C TYR A 7 -28.79 7.10 -3.63
N SER A 8 -28.70 8.43 -3.62
CA SER A 8 -29.15 9.28 -4.73
C SER A 8 -27.95 10.12 -5.12
N LEU A 9 -27.44 9.89 -6.33
CA LEU A 9 -26.22 10.51 -6.82
C LEU A 9 -26.54 11.25 -8.12
N ALA A 10 -26.44 12.59 -8.05
CA ALA A 10 -26.72 13.46 -9.20
C ALA A 10 -28.07 13.12 -9.86
N GLY A 11 -29.11 13.02 -9.03
CA GLY A 11 -30.48 12.83 -9.50
C GLY A 11 -30.96 11.40 -9.76
N THR A 12 -30.11 10.40 -9.53
CA THR A 12 -30.43 9.01 -9.87
C THR A 12 -30.30 8.11 -8.63
N TRP A 13 -31.32 7.29 -8.42
CA TRP A 13 -31.36 6.34 -7.30
C TRP A 13 -30.45 5.14 -7.58
N TYR A 14 -29.71 4.70 -6.55
CA TYR A 14 -28.93 3.47 -6.61
C TYR A 14 -29.18 2.63 -5.36
N ASN A 15 -29.57 1.38 -5.57
CA ASN A 15 -29.68 0.39 -4.48
C ASN A 15 -28.29 0.11 -3.93
N GLY A 16 -28.20 -0.15 -2.64
CA GLY A 16 -26.96 -0.58 -1.99
C GLY A 16 -26.95 -2.10 -1.82
N PHE A 17 -25.90 -2.61 -1.16
CA PHE A 17 -25.82 -4.01 -0.79
C PHE A 17 -26.83 -4.30 0.33
N VAL A 18 -27.40 -5.51 0.33
CA VAL A 18 -28.30 -5.97 1.38
C VAL A 18 -27.51 -6.87 2.33
N PRO A 19 -27.20 -6.38 3.55
CA PRO A 19 -26.44 -7.23 4.50
C PRO A 19 -27.22 -8.47 4.97
N TYR A 20 -26.46 -9.45 5.46
CA TYR A 20 -26.99 -10.75 5.93
C TYR A 20 -27.47 -11.69 4.83
N ASN A 21 -27.76 -11.19 3.65
CA ASN A 21 -27.98 -12.02 2.48
C ASN A 21 -26.66 -12.27 1.79
N THR A 22 -26.60 -13.39 1.06
CA THR A 22 -25.43 -13.77 0.28
C THR A 22 -25.14 -12.73 -0.81
N PRO A 23 -23.84 -12.51 -1.13
CA PRO A 23 -23.54 -11.56 -2.21
C PRO A 23 -23.91 -12.09 -3.60
N THR A 24 -23.94 -13.42 -3.77
CA THR A 24 -24.40 -14.04 -5.01
C THR A 24 -25.79 -13.51 -5.37
N GLY A 25 -25.92 -12.97 -6.58
CA GLY A 25 -27.18 -12.43 -7.08
C GLY A 25 -27.37 -10.94 -6.88
N GLN A 26 -26.67 -10.35 -5.90
CA GLN A 26 -26.81 -8.92 -5.63
C GLN A 26 -26.00 -8.13 -6.66
N SER A 27 -26.52 -6.94 -7.00
CA SER A 27 -25.85 -6.06 -7.94
C SER A 27 -26.05 -4.61 -7.48
N THR A 28 -24.94 -3.92 -7.26
CA THR A 28 -24.99 -2.56 -6.72
C THR A 28 -23.70 -1.80 -6.98
N ILE A 29 -23.79 -0.48 -6.90
CA ILE A 29 -22.59 0.37 -6.89
C ILE A 29 -21.79 0.22 -5.59
N GLN A 30 -22.45 -0.29 -4.55
CA GLN A 30 -21.87 -0.38 -3.21
C GLN A 30 -21.03 -1.63 -3.02
N ARG A 31 -19.93 -1.51 -2.26
CA ARG A 31 -19.12 -2.65 -1.85
C ARG A 31 -19.86 -3.47 -0.79
N GLU A 32 -19.58 -4.77 -0.77
CA GLU A 32 -20.27 -5.70 0.11
C GLU A 32 -19.98 -5.37 1.57
N TRP A 33 -21.05 -5.26 2.36
CA TRP A 33 -20.93 -5.18 3.81
C TRP A 33 -21.96 -6.12 4.41
N ASP A 34 -21.54 -6.97 5.33
CA ASP A 34 -22.29 -8.17 5.71
C ASP A 34 -23.17 -8.11 6.96
N THR A 35 -22.99 -7.09 7.81
N THR A 35 -22.97 -7.11 7.82
CA THR A 35 -23.76 -6.97 9.04
CA THR A 35 -23.71 -6.99 9.08
C THR A 35 -23.95 -5.52 9.43
C THR A 35 -23.96 -5.52 9.43
N TYR A 36 -24.91 -5.30 10.33
CA TYR A 36 -25.19 -3.98 10.90
C TYR A 36 -24.17 -3.54 11.98
N ASN A 37 -23.31 -4.45 12.44
CA ASN A 37 -22.42 -4.23 13.57
C ASN A 37 -21.30 -3.25 13.27
N PRO A 38 -20.87 -2.48 14.29
CA PRO A 38 -19.75 -1.59 14.09
C PRO A 38 -18.41 -2.32 14.00
N ILE A 39 -17.46 -1.68 13.34
CA ILE A 39 -16.05 -1.99 13.48
C ILE A 39 -15.58 -1.23 14.71
N THR A 40 -15.05 -1.94 15.70
CA THR A 40 -14.66 -1.36 16.99
C THR A 40 -13.16 -1.12 17.16
N ASP A 41 -12.33 -1.75 16.32
CA ASP A 41 -10.90 -1.51 16.32
C ASP A 41 -10.62 -0.44 15.26
N PRO A 42 -10.12 0.75 15.67
CA PRO A 42 -9.84 1.79 14.66
C PRO A 42 -8.77 1.40 13.62
N THR A 43 -7.93 0.43 13.95
CA THR A 43 -6.92 -0.11 13.01
C THR A 43 -7.33 -1.40 12.28
N ASP A 44 -8.61 -1.78 12.34
CA ASP A 44 -9.12 -2.98 11.65
C ASP A 44 -8.75 -2.93 10.16
N ALA A 45 -8.29 -4.07 9.63
CA ALA A 45 -7.87 -4.16 8.21
C ALA A 45 -8.99 -3.81 7.22
N SER A 46 -10.25 -4.10 7.59
CA SER A 46 -11.41 -3.85 6.74
C SER A 46 -12.17 -2.54 7.05
N ILE A 47 -11.54 -1.61 7.77
CA ILE A 47 -12.22 -0.36 8.14
C ILE A 47 -12.51 0.57 6.95
N SER A 48 -11.79 0.39 5.82
CA SER A 48 -12.02 1.20 4.63
C SER A 48 -13.44 1.02 4.07
N CYS A 49 -13.84 -0.23 3.81
CA CYS A 49 -15.14 -0.51 3.19
C CYS A 49 -15.98 -1.57 3.90
N ASN A 50 -15.71 -1.75 5.20
CA ASN A 50 -16.42 -2.70 6.08
C ASN A 50 -16.04 -4.15 5.78
N ILE A 51 -16.63 -5.06 6.55
CA ILE A 51 -16.41 -6.50 6.40
C ILE A 51 -17.53 -7.10 5.54
N ASN A 52 -17.22 -7.80 4.44
CA ASN A 52 -15.84 -8.05 3.97
C ASN A 52 -15.32 -6.95 3.03
N GLY A 53 -16.17 -6.01 2.63
CA GLY A 53 -15.77 -4.92 1.73
C GLY A 53 -15.54 -5.38 0.30
N ALA A 54 -16.01 -6.59 -0.03
CA ALA A 54 -15.63 -7.23 -1.27
C ALA A 54 -16.32 -6.59 -2.47
N SER A 55 -15.60 -6.61 -3.59
CA SER A 55 -16.16 -6.28 -4.90
C SER A 55 -17.16 -7.38 -5.28
N LEU A 56 -18.13 -7.03 -6.12
CA LEU A 56 -19.10 -7.98 -6.64
C LEU A 56 -18.77 -8.52 -8.05
N GLY A 57 -17.53 -8.31 -8.50
CA GLY A 57 -17.07 -8.87 -9.78
C GLY A 57 -17.83 -8.33 -10.97
N SER A 58 -18.45 -9.22 -11.73
CA SER A 58 -19.26 -8.84 -12.89
C SER A 58 -20.58 -8.14 -12.50
N ALA A 59 -21.10 -8.44 -11.30
CA ALA A 59 -22.29 -7.76 -10.77
C ALA A 59 -22.00 -6.37 -10.16
N GLN A 60 -20.72 -6.00 -10.04
CA GLN A 60 -20.33 -4.73 -9.45
C GLN A 60 -20.64 -3.58 -10.40
N LYS A 61 -21.42 -2.61 -9.93
CA LYS A 61 -21.73 -1.41 -10.71
C LYS A 61 -20.86 -0.23 -10.25
N SER A 62 -20.86 0.85 -11.06
CA SER A 62 -20.27 2.15 -10.68
C SER A 62 -21.24 3.26 -11.11
N ALA A 63 -21.36 4.32 -10.29
CA ALA A 63 -22.22 5.45 -10.61
C ALA A 63 -21.40 6.52 -11.32
N THR A 64 -21.82 6.88 -12.54
CA THR A 64 -21.17 7.97 -13.27
C THR A 64 -21.80 9.29 -12.86
N VAL A 65 -20.95 10.22 -12.40
CA VAL A 65 -21.38 11.55 -11.91
C VAL A 65 -20.34 12.61 -12.24
N ALA A 66 -20.79 13.82 -12.52
CA ALA A 66 -19.89 14.94 -12.75
C ALA A 66 -19.29 15.40 -11.43
N ALA A 67 -18.06 15.90 -11.48
CA ALA A 67 -17.46 16.57 -10.34
C ALA A 67 -18.30 17.83 -10.12
N GLY A 68 -18.63 18.12 -8.87
CA GLY A 68 -19.60 19.18 -8.54
C GLY A 68 -20.98 18.64 -8.18
N SER A 69 -21.28 17.41 -8.61
CA SER A 69 -22.57 16.74 -8.35
C SER A 69 -22.86 16.53 -6.88
N SER A 70 -24.14 16.62 -6.52
CA SER A 70 -24.64 16.33 -5.19
C SER A 70 -24.80 14.81 -5.04
N VAL A 71 -24.32 14.28 -3.93
CA VAL A 71 -24.42 12.86 -3.62
C VAL A 71 -25.04 12.70 -2.24
N THR A 72 -26.11 11.90 -2.16
CA THR A 72 -26.82 11.63 -0.92
C THR A 72 -26.70 10.16 -0.59
N ALA A 73 -26.42 9.86 0.68
CA ALA A 73 -26.42 8.50 1.21
C ALA A 73 -27.60 8.39 2.16
N TYR A 74 -28.34 7.27 2.04
CA TYR A 74 -29.51 7.03 2.89
C TYR A 74 -29.24 5.87 3.83
N TRP A 75 -29.57 6.06 5.11
CA TRP A 75 -29.42 5.03 6.14
C TRP A 75 -30.77 4.38 6.47
N ASN A 76 -30.70 3.29 7.23
CA ASN A 76 -31.83 2.79 8.01
C ASN A 76 -32.27 3.86 9.02
N GLN A 77 -33.35 3.58 9.75
CA GLN A 77 -33.73 4.44 10.88
C GLN A 77 -32.65 4.36 11.96
N TRP A 78 -31.68 5.27 11.84
CA TRP A 78 -30.41 5.20 12.56
C TRP A 78 -30.64 5.47 14.05
N PRO A 79 -30.21 4.53 14.92
CA PRO A 79 -30.50 4.63 16.36
C PRO A 79 -29.55 5.49 17.21
N HIS A 80 -28.42 5.91 16.67
CA HIS A 80 -27.43 6.64 17.46
C HIS A 80 -27.35 8.11 17.08
N THR A 81 -27.08 8.96 18.07
CA THR A 81 -27.14 10.41 17.88
C THR A 81 -25.85 11.15 18.25
N ILE A 82 -24.86 10.47 18.81
CA ILE A 82 -23.65 11.13 19.33
C ILE A 82 -22.40 10.66 18.57
N GLY A 83 -21.83 11.57 17.79
CA GLY A 83 -20.56 11.37 17.10
C GLY A 83 -20.54 12.06 15.74
N PRO A 84 -19.37 12.10 15.07
CA PRO A 84 -19.27 12.78 13.80
C PRO A 84 -19.76 11.95 12.61
N VAL A 85 -20.10 12.65 11.53
CA VAL A 85 -20.30 12.04 10.20
C VAL A 85 -19.12 12.47 9.35
N MET A 86 -18.58 11.55 8.56
CA MET A 86 -17.45 11.84 7.67
C MET A 86 -17.70 11.24 6.31
N VAL A 87 -17.34 12.00 5.27
CA VAL A 87 -17.42 11.53 3.89
C VAL A 87 -16.02 11.61 3.29
N TYR A 88 -15.52 10.46 2.84
CA TYR A 88 -14.20 10.34 2.22
C TYR A 88 -14.35 9.96 0.76
N MET A 89 -13.29 10.24 -0.02
CA MET A 89 -13.12 9.63 -1.33
C MET A 89 -11.67 9.15 -1.51
N ALA A 90 -11.49 8.27 -2.49
CA ALA A 90 -10.18 7.76 -2.85
C ALA A 90 -10.16 7.40 -4.32
N ASN A 91 -9.09 7.81 -5.01
CA ASN A 91 -8.84 7.38 -6.39
C ASN A 91 -8.51 5.89 -6.37
N CYS A 92 -9.17 5.13 -7.23
CA CYS A 92 -8.91 3.69 -7.34
C CYS A 92 -7.62 3.35 -8.11
N GLY A 93 -7.09 4.32 -8.86
CA GLY A 93 -5.84 4.13 -9.60
C GLY A 93 -5.93 3.00 -10.61
N GLY A 94 -7.02 3.01 -11.39
CA GLY A 94 -7.39 1.91 -12.28
C GLY A 94 -8.87 1.60 -12.15
N ASP A 95 -9.22 0.32 -12.26
CA ASP A 95 -10.60 -0.14 -12.07
C ASP A 95 -10.88 -0.25 -10.56
N CYS A 96 -12.01 0.32 -10.11
CA CYS A 96 -12.41 0.21 -8.69
C CYS A 96 -12.81 -1.21 -8.31
N THR A 97 -13.48 -1.89 -9.24
CA THR A 97 -13.93 -3.27 -9.06
C THR A 97 -12.81 -4.22 -8.64
N THR A 98 -11.60 -4.01 -9.17
CA THR A 98 -10.43 -4.85 -8.86
C THR A 98 -9.48 -4.24 -7.81
N ALA A 99 -9.81 -3.05 -7.29
CA ALA A 99 -8.94 -2.33 -6.35
C ALA A 99 -9.08 -2.87 -4.94
N THR A 100 -7.95 -3.03 -4.25
CA THR A 100 -7.93 -3.33 -2.81
C THR A 100 -8.10 -1.98 -2.10
N THR A 101 -9.23 -1.79 -1.41
CA THR A 101 -9.59 -0.48 -0.87
C THR A 101 -8.69 -0.05 0.31
N SER A 102 -8.15 -1.03 1.03
CA SER A 102 -7.19 -0.78 2.12
C SER A 102 -5.84 -0.22 1.66
N SER A 103 -5.53 -0.33 0.36
CA SER A 103 -4.30 0.22 -0.20
C SER A 103 -4.44 1.62 -0.77
N LEU A 104 -5.66 2.18 -0.78
CA LEU A 104 -5.90 3.45 -1.46
C LEU A 104 -5.53 4.65 -0.58
N GLU A 105 -5.40 5.79 -1.24
CA GLU A 105 -5.15 7.07 -0.58
C GLU A 105 -6.47 7.82 -0.41
N TRP A 106 -6.91 7.94 0.83
CA TRP A 106 -8.22 8.51 1.16
C TRP A 106 -8.11 9.96 1.54
N PHE A 107 -9.00 10.78 0.96
CA PHE A 107 -9.14 12.19 1.35
C PHE A 107 -10.59 12.47 1.76
N LYS A 108 -10.73 13.41 2.69
CA LYS A 108 -12.00 13.75 3.30
C LYS A 108 -12.63 14.97 2.60
N ILE A 109 -13.86 14.82 2.11
CA ILE A 109 -14.56 15.92 1.41
C ILE A 109 -15.60 16.63 2.27
N ASN A 110 -16.05 15.98 3.35
CA ASN A 110 -17.04 16.58 4.23
C ASN A 110 -17.02 15.91 5.59
N GLN A 111 -17.16 16.71 6.64
CA GLN A 111 -17.44 16.16 7.97
C GLN A 111 -18.22 17.17 8.80
N VAL A 112 -18.99 16.66 9.75
CA VAL A 112 -19.64 17.48 10.76
C VAL A 112 -19.54 16.72 12.07
N GLY A 113 -18.88 17.32 13.05
CA GLY A 113 -18.67 16.72 14.37
C GLY A 113 -19.62 17.37 15.36
N LEU A 114 -19.05 17.91 16.44
CA LEU A 114 -19.84 18.59 17.46
C LEU A 114 -20.13 20.00 16.95
N VAL A 115 -21.40 20.27 16.63
CA VAL A 115 -21.82 21.55 16.05
C VAL A 115 -21.91 22.62 17.13
N SER A 116 -22.48 22.27 18.27
CA SER A 116 -22.55 23.16 19.44
C SER A 116 -22.90 22.37 20.68
N GLY A 117 -22.80 23.03 21.83
CA GLY A 117 -23.09 22.39 23.11
C GLY A 117 -21.95 21.51 23.57
N THR A 118 -22.26 20.65 24.52
CA THR A 118 -21.27 19.79 25.13
C THR A 118 -21.33 18.42 24.49
N LEU A 119 -20.32 17.60 24.76
CA LEU A 119 -20.27 16.23 24.22
C LEU A 119 -21.56 15.47 24.52
N THR A 120 -22.10 15.64 25.73
CA THR A 120 -23.24 14.85 26.23
C THR A 120 -24.64 15.45 26.02
N SER A 121 -24.73 16.77 25.80
N SER A 121 -24.72 16.76 25.81
CA SER A 121 -26.01 17.45 25.58
CA SER A 121 -26.00 17.42 25.54
C SER A 121 -26.07 18.32 24.30
C SER A 121 -25.88 18.48 24.45
N GLY A 122 -25.05 18.23 23.45
CA GLY A 122 -24.92 19.10 22.28
C GLY A 122 -25.55 18.55 21.01
N THR A 123 -25.32 19.25 19.91
CA THR A 123 -25.80 18.85 18.60
C THR A 123 -24.63 18.27 17.81
N TRP A 124 -24.79 17.03 17.36
CA TRP A 124 -23.81 16.33 16.54
C TRP A 124 -24.30 16.14 15.11
N GLY A 125 -23.36 16.00 14.18
CA GLY A 125 -23.66 15.62 12.79
C GLY A 125 -24.53 14.39 12.68
N MET A 126 -24.29 13.40 13.53
CA MET A 126 -25.06 12.16 13.53
C MET A 126 -26.52 12.39 13.90
N GLY A 127 -26.76 13.30 14.86
CA GLY A 127 -28.10 13.78 15.17
C GLY A 127 -28.75 14.53 14.02
N GLN A 128 -27.97 15.29 13.29
CA GLN A 128 -28.46 15.98 12.08
C GLN A 128 -28.83 15.00 10.97
N LEU A 129 -28.01 13.96 10.79
CA LEU A 129 -28.27 12.89 9.82
C LEU A 129 -29.62 12.21 10.08
N VAL A 130 -29.87 11.83 11.34
CA VAL A 130 -31.13 11.21 11.74
C VAL A 130 -32.31 12.14 11.43
N ALA A 131 -32.16 13.41 11.82
CA ALA A 131 -33.21 14.43 11.63
C ALA A 131 -33.52 14.74 10.17
N ASN A 132 -32.53 14.54 9.29
CA ASN A 132 -32.70 14.76 7.85
C ASN A 132 -33.07 13.45 7.15
N ASN A 133 -34.15 12.81 7.60
CA ASN A 133 -34.64 11.57 6.99
C ASN A 133 -33.56 10.47 6.93
N ASN A 134 -32.76 10.36 7.99
CA ASN A 134 -31.69 9.38 8.07
C ASN A 134 -30.79 9.38 6.83
N SER A 135 -30.32 10.59 6.46
CA SER A 135 -29.54 10.76 5.24
C SER A 135 -28.51 11.86 5.35
N TRP A 136 -27.54 11.85 4.44
CA TRP A 136 -26.47 12.82 4.43
C TRP A 136 -26.17 13.25 3.00
N THR A 137 -26.25 14.55 2.76
CA THR A 137 -26.03 15.10 1.43
C THR A 137 -24.86 16.09 1.44
N THR A 138 -23.91 15.85 0.54
CA THR A 138 -22.78 16.75 0.29
C THR A 138 -22.37 16.63 -1.17
N SER A 139 -21.57 17.57 -1.68
CA SER A 139 -21.19 17.58 -3.10
C SER A 139 -19.81 17.00 -3.31
N ILE A 140 -19.61 16.33 -4.45
CA ILE A 140 -18.28 15.95 -4.91
C ILE A 140 -17.55 17.25 -5.29
N PRO A 141 -16.30 17.43 -4.83
CA PRO A 141 -15.61 18.69 -5.15
C PRO A 141 -15.59 19.03 -6.65
N SER A 142 -16.04 20.25 -6.98
CA SER A 142 -16.14 20.76 -8.37
C SER A 142 -14.85 20.59 -9.18
N SER A 143 -13.71 20.80 -8.52
CA SER A 143 -12.39 20.77 -9.17
C SER A 143 -11.76 19.38 -9.34
N LEU A 144 -12.34 18.34 -8.72
CA LEU A 144 -11.70 17.03 -8.63
C LEU A 144 -11.35 16.48 -10.02
N ALA A 145 -10.15 15.91 -10.14
CA ALA A 145 -9.70 15.32 -11.40
C ALA A 145 -10.59 14.17 -11.81
N ALA A 146 -10.94 14.10 -13.09
CA ALA A 146 -11.75 12.98 -13.61
C ALA A 146 -11.04 11.65 -13.34
N GLY A 147 -11.83 10.63 -13.03
CA GLY A 147 -11.29 9.30 -12.75
C GLY A 147 -12.23 8.40 -12.01
N ASN A 148 -11.70 7.25 -11.63
CA ASN A 148 -12.44 6.22 -10.90
C ASN A 148 -12.15 6.39 -9.41
N TYR A 149 -13.22 6.52 -8.62
CA TYR A 149 -13.12 6.82 -7.19
C TYR A 149 -14.07 5.95 -6.35
N ILE A 150 -13.64 5.61 -5.14
CA ILE A 150 -14.57 5.15 -4.11
C ILE A 150 -15.13 6.38 -3.39
N LEU A 151 -16.42 6.34 -3.07
CA LEU A 151 -17.08 7.33 -2.22
C LEU A 151 -17.45 6.61 -0.93
N ARG A 152 -16.94 7.12 0.19
CA ARG A 152 -16.99 6.42 1.47
C ARG A 152 -17.73 7.27 2.51
N HIS A 153 -18.78 6.71 3.10
CA HIS A 153 -19.51 7.35 4.22
C HIS A 153 -19.18 6.63 5.50
N GLU A 154 -18.98 7.40 6.58
CA GLU A 154 -18.60 6.86 7.87
C GLU A 154 -19.31 7.57 9.01
N LEU A 155 -19.85 6.76 9.92
CA LEU A 155 -20.41 7.24 11.17
C LEU A 155 -19.54 6.72 12.29
N LEU A 156 -19.16 7.60 13.19
CA LEU A 156 -18.38 7.23 14.37
C LEU A 156 -19.27 7.51 15.57
N ALA A 157 -19.96 6.47 16.04
CA ALA A 157 -20.79 6.54 17.23
C ALA A 157 -19.92 6.37 18.47
N ILE A 158 -19.97 7.34 19.37
CA ILE A 158 -19.11 7.39 20.57
C ILE A 158 -19.91 7.47 21.88
N HIS A 159 -21.10 6.87 21.85
CA HIS A 159 -22.01 6.80 22.98
C HIS A 159 -21.59 5.76 24.04
N THR A 160 -20.74 4.80 23.67
CA THR A 160 -20.20 3.82 24.64
C THR A 160 -18.79 4.23 25.05
N SER A 161 -18.60 4.43 26.36
CA SER A 161 -17.33 4.87 26.94
C SER A 161 -16.12 4.08 26.45
N ASN A 162 -15.22 4.75 25.74
CA ASN A 162 -13.94 4.18 25.29
C ASN A 162 -14.01 3.04 24.26
N GLN A 163 -15.19 2.79 23.69
N GLN A 163 -15.16 2.87 23.61
CA GLN A 163 -15.38 1.86 22.60
CA GLN A 163 -15.36 1.84 22.62
C GLN A 163 -15.92 2.66 21.42
C GLN A 163 -15.93 2.49 21.36
N PRO A 164 -15.06 2.97 20.45
CA PRO A 164 -15.54 3.63 19.24
C PRO A 164 -16.28 2.65 18.35
N GLN A 165 -17.30 3.13 17.66
CA GLN A 165 -18.06 2.31 16.73
C GLN A 165 -18.03 2.97 15.36
N PHE A 166 -17.19 2.42 14.49
CA PHE A 166 -17.05 2.88 13.12
C PHE A 166 -18.03 2.11 12.24
N TYR A 167 -18.82 2.85 11.45
CA TYR A 167 -19.78 2.25 10.51
C TYR A 167 -19.50 2.79 9.11
N PRO A 168 -18.60 2.13 8.36
CA PRO A 168 -18.23 2.58 7.02
C PRO A 168 -18.91 1.80 5.90
N GLU A 169 -19.31 2.49 4.83
CA GLU A 169 -19.66 1.85 3.57
C GLU A 169 -19.01 2.57 2.40
N CYS A 170 -18.84 1.84 1.30
CA CYS A 170 -18.19 2.36 0.08
C CYS A 170 -19.06 2.18 -1.14
N ALA A 171 -19.00 3.15 -2.05
CA ALA A 171 -19.67 3.09 -3.35
C ALA A 171 -18.67 3.43 -4.45
N GLN A 172 -18.76 2.74 -5.58
CA GLN A 172 -17.87 3.00 -6.73
C GLN A 172 -18.46 4.10 -7.61
N LEU A 173 -17.62 5.09 -7.95
CA LEU A 173 -18.01 6.16 -8.86
C LEU A 173 -17.09 6.23 -10.07
N ILE A 174 -17.62 6.75 -11.17
CA ILE A 174 -16.82 7.25 -12.29
C ILE A 174 -17.05 8.76 -12.29
N VAL A 175 -16.01 9.52 -11.94
CA VAL A 175 -16.09 10.98 -11.89
C VAL A 175 -15.69 11.54 -13.24
N THR A 176 -16.56 12.35 -13.83
CA THR A 176 -16.34 12.96 -15.15
C THR A 176 -16.20 14.47 -15.00
N GLY A 177 -15.69 15.13 -16.04
CA GLY A 177 -15.50 16.57 -16.02
C GLY A 177 -14.40 16.97 -15.04
N GLY A 178 -14.68 17.98 -14.23
CA GLY A 178 -13.73 18.45 -13.22
C GLY A 178 -12.77 19.49 -13.74
N GLU A 179 -11.73 19.78 -12.95
CA GLU A 179 -10.69 20.75 -13.29
C GLU A 179 -9.30 20.22 -12.94
N GLY A 180 -9.14 18.89 -13.01
CA GLY A 180 -7.84 18.24 -12.80
C GLY A 180 -7.16 18.34 -11.44
N ALA A 181 -7.88 18.83 -10.42
CA ALA A 181 -7.30 19.00 -9.10
C ALA A 181 -7.24 17.68 -8.34
N THR A 182 -6.15 17.45 -7.62
CA THR A 182 -5.98 16.31 -6.72
C THR A 182 -5.57 16.83 -5.34
N PRO A 183 -6.00 16.16 -4.25
CA PRO A 183 -5.59 16.64 -2.94
C PRO A 183 -4.07 16.49 -2.73
N PRO A 184 -3.41 17.51 -2.13
CA PRO A 184 -2.00 17.35 -1.74
C PRO A 184 -1.78 16.20 -0.74
N ALA A 185 -0.54 15.73 -0.66
CA ALA A 185 -0.18 14.58 0.17
C ALA A 185 -0.59 14.69 1.64
N SER A 186 -0.58 15.91 2.20
CA SER A 186 -0.97 16.14 3.60
C SER A 186 -2.44 15.83 3.94
N TYR A 187 -3.33 15.84 2.94
CA TYR A 187 -4.74 15.48 3.15
C TYR A 187 -5.00 13.99 2.97
N LEU A 188 -4.01 13.26 2.45
CA LEU A 188 -4.17 11.86 2.09
C LEU A 188 -3.78 10.93 3.25
N VAL A 189 -4.64 9.96 3.53
CA VAL A 189 -4.39 8.96 4.58
C VAL A 189 -4.77 7.56 4.10
N LYS A 190 -4.40 6.57 4.90
CA LYS A 190 -4.74 5.17 4.66
C LYS A 190 -5.81 4.74 5.65
N LEU A 191 -6.53 3.69 5.28
CA LEU A 191 -7.57 3.10 6.13
C LEU A 191 -7.45 1.57 6.10
N PRO A 192 -6.94 0.94 7.17
CA PRO A 192 -6.49 1.58 8.42
C PRO A 192 -5.18 2.38 8.26
N GLY A 193 -4.86 3.15 9.30
CA GLY A 193 -3.69 4.03 9.32
C GLY A 193 -4.04 5.40 9.84
N ALA A 194 -5.19 5.93 9.40
CA ALA A 194 -5.65 7.27 9.75
C ALA A 194 -6.03 7.42 11.22
N TYR A 195 -6.59 6.35 11.79
CA TYR A 195 -7.17 6.38 13.14
C TYR A 195 -6.35 5.51 14.09
N SER A 196 -6.40 5.86 15.37
CA SER A 196 -5.89 5.00 16.43
C SER A 196 -6.52 5.35 17.77
N MET A 197 -6.31 4.46 18.75
CA MET A 197 -6.80 4.68 20.11
C MET A 197 -6.08 5.78 20.90
N SER A 198 -5.07 6.43 20.34
CA SER A 198 -4.50 7.65 20.94
C SER A 198 -5.15 8.96 20.44
N ASP A 199 -6.02 8.87 19.43
CA ASP A 199 -6.79 10.02 18.97
C ASP A 199 -7.84 10.42 20.00
N PRO A 200 -7.91 11.72 20.37
CA PRO A 200 -8.87 12.16 21.39
C PRO A 200 -10.33 11.94 21.03
N GLY A 201 -10.65 11.97 19.73
CA GLY A 201 -12.00 11.71 19.26
C GLY A 201 -12.36 10.25 19.07
N VAL A 202 -11.40 9.34 19.24
CA VAL A 202 -11.61 7.90 19.02
C VAL A 202 -11.73 7.12 20.33
N ASN A 203 -10.80 7.36 21.25
CA ASN A 203 -10.80 6.73 22.56
C ASN A 203 -11.28 7.78 23.55
N ILE A 204 -12.60 7.86 23.71
CA ILE A 204 -13.23 8.94 24.44
C ILE A 204 -14.32 8.39 25.33
N ASP A 205 -14.42 8.95 26.53
CA ASP A 205 -15.50 8.68 27.44
C ASP A 205 -16.19 10.03 27.61
N ILE A 206 -17.28 10.22 26.88
CA ILE A 206 -18.02 11.48 26.90
C ILE A 206 -18.62 11.80 28.28
N TYR A 207 -18.94 10.75 29.05
CA TYR A 207 -19.60 10.88 30.36
C TYR A 207 -18.71 11.41 31.49
N SER A 208 -17.38 11.30 31.33
CA SER A 208 -16.43 11.99 32.23
C SER A 208 -15.98 13.35 31.69
N HIS A 209 -16.65 13.88 30.67
CA HIS A 209 -16.29 15.15 30.04
C HIS A 209 -17.56 15.87 29.59
N GLU A 210 -18.54 15.92 30.49
CA GLU A 210 -19.89 16.37 30.15
C GLU A 210 -20.03 17.88 29.96
N THR A 211 -19.03 18.65 30.37
CA THR A 211 -18.96 20.09 30.10
C THR A 211 -18.02 20.44 28.93
N GLU A 212 -17.34 19.45 28.36
CA GLU A 212 -16.44 19.66 27.21
C GLU A 212 -17.22 20.06 25.95
N THR A 213 -16.76 21.13 25.30
CA THR A 213 -17.39 21.68 24.10
C THR A 213 -16.52 21.57 22.82
N ASN A 214 -15.34 20.96 22.92
CA ASN A 214 -14.47 20.72 21.76
C ASN A 214 -14.42 19.24 21.42
N TYR A 215 -14.36 18.93 20.13
CA TYR A 215 -14.16 17.57 19.66
C TYR A 215 -13.39 17.61 18.36
N THR A 216 -12.12 17.20 18.43
CA THR A 216 -11.29 17.04 17.26
C THR A 216 -11.74 15.79 16.53
N ILE A 217 -12.26 15.98 15.32
CA ILE A 217 -12.76 14.86 14.54
C ILE A 217 -11.51 14.11 14.09
N PRO A 218 -11.50 12.76 14.27
CA PRO A 218 -10.36 11.96 13.80
C PRO A 218 -10.15 12.06 12.29
N GLY A 219 -8.94 11.74 11.85
CA GLY A 219 -8.61 11.73 10.44
C GLY A 219 -8.10 13.08 9.97
N PRO A 220 -7.89 13.23 8.65
CA PRO A 220 -7.28 14.44 8.12
C PRO A 220 -8.22 15.64 8.03
N ALA A 221 -7.67 16.78 7.63
CA ALA A 221 -8.48 17.96 7.32
C ALA A 221 -9.32 17.69 6.07
N VAL A 222 -10.37 18.49 5.92
CA VAL A 222 -11.28 18.37 4.79
C VAL A 222 -10.70 19.06 3.57
N TRP A 223 -10.75 18.35 2.43
CA TRP A 223 -10.33 18.89 1.14
C TRP A 223 -11.58 19.24 0.32
N GLN A 224 -11.89 20.53 0.25
CA GLN A 224 -13.05 21.04 -0.49
C GLN A 224 -12.81 21.31 -2.00
N GLY A 225 -11.58 21.09 -2.48
CA GLY A 225 -11.27 21.24 -3.91
C GLY A 225 -9.96 21.96 -4.15
N HIS B 1 22.05 -1.14 -17.53
CA HIS B 1 21.30 0.09 -17.18
C HIS B 1 19.81 -0.23 -17.21
N GLY B 2 19.09 0.21 -16.19
CA GLY B 2 17.72 -0.18 -15.97
C GLY B 2 17.50 -0.56 -14.54
N GLY B 3 16.49 -1.40 -14.31
CA GLY B 3 16.15 -1.90 -12.98
C GLY B 3 14.79 -2.53 -13.00
N VAL B 4 14.28 -2.88 -11.82
CA VAL B 4 12.98 -3.53 -11.69
C VAL B 4 11.86 -2.52 -11.96
N LEU B 5 11.12 -2.73 -13.05
CA LEU B 5 10.02 -1.85 -13.45
C LEU B 5 8.66 -2.27 -12.88
N ALA B 6 8.49 -3.57 -12.63
CA ALA B 6 7.25 -4.11 -12.09
C ALA B 6 7.44 -5.46 -11.41
N TYR B 7 6.40 -5.92 -10.72
CA TYR B 7 6.42 -7.20 -10.02
C TYR B 7 5.16 -8.00 -10.33
N SER B 8 5.29 -9.32 -10.19
CA SER B 8 4.15 -10.23 -10.08
C SER B 8 4.44 -11.02 -8.82
N LEU B 9 3.59 -10.83 -7.80
CA LEU B 9 3.79 -11.40 -6.47
C LEU B 9 2.55 -12.19 -6.07
N ALA B 10 2.70 -13.52 -5.94
CA ALA B 10 1.60 -14.41 -5.55
C ALA B 10 0.33 -14.15 -6.39
N GLY B 11 0.49 -14.11 -7.70
CA GLY B 11 -0.62 -13.96 -8.64
C GLY B 11 -1.05 -12.57 -9.03
N THR B 12 -0.56 -11.53 -8.34
CA THR B 12 -1.03 -10.15 -8.54
C THR B 12 0.08 -9.27 -9.14
N TRP B 13 -0.27 -8.50 -10.17
CA TRP B 13 0.65 -7.56 -10.81
C TRP B 13 0.78 -6.28 -9.98
N TYR B 14 2.01 -5.80 -9.83
CA TYR B 14 2.28 -4.55 -9.14
C TYR B 14 3.23 -3.70 -9.97
N ASN B 15 2.79 -2.48 -10.29
N ASN B 15 2.80 -2.49 -10.31
CA ASN B 15 3.60 -1.50 -11.00
CA ASN B 15 3.63 -1.56 -11.05
C ASN B 15 4.70 -0.99 -10.07
C ASN B 15 4.68 -0.96 -10.10
N GLY B 16 5.91 -0.84 -10.60
CA GLY B 16 7.02 -0.27 -9.83
C GLY B 16 7.03 1.24 -9.91
N PHE B 17 8.10 1.85 -9.40
CA PHE B 17 8.34 3.29 -9.55
C PHE B 17 8.81 3.57 -10.98
N VAL B 18 8.47 4.75 -11.51
CA VAL B 18 8.96 5.20 -12.82
C VAL B 18 10.14 6.16 -12.60
N PRO B 19 11.38 5.74 -12.99
CA PRO B 19 12.55 6.62 -12.82
C PRO B 19 12.55 7.87 -13.71
N TYR B 20 13.30 8.88 -13.27
CA TYR B 20 13.44 10.21 -13.92
C TYR B 20 12.24 11.15 -13.73
N ASN B 21 11.03 10.61 -13.71
CA ASN B 21 9.85 11.38 -13.36
C ASN B 21 9.81 11.66 -11.86
N THR B 22 9.11 12.74 -11.53
CA THR B 22 8.91 13.16 -10.14
C THR B 22 8.18 12.06 -9.36
N PRO B 23 8.51 11.88 -8.05
CA PRO B 23 7.72 10.92 -7.26
C PRO B 23 6.29 11.38 -7.00
N THR B 24 6.05 12.70 -6.99
CA THR B 24 4.71 13.26 -6.77
C THR B 24 3.74 12.67 -7.79
N GLY B 25 2.64 12.10 -7.30
CA GLY B 25 1.64 11.43 -8.14
C GLY B 25 1.83 9.93 -8.31
N GLN B 26 3.06 9.43 -8.17
CA GLN B 26 3.34 8.00 -8.34
C GLN B 26 2.89 7.23 -7.10
N SER B 27 2.38 6.02 -7.31
CA SER B 27 1.98 5.16 -6.20
C SER B 27 2.35 3.73 -6.51
N THR B 28 3.10 3.10 -5.62
CA THR B 28 3.70 1.79 -5.87
C THR B 28 4.18 1.13 -4.59
N ILE B 29 4.28 -0.20 -4.62
CA ILE B 29 4.97 -0.95 -3.56
C ILE B 29 6.48 -0.71 -3.53
N GLN B 30 7.03 -0.30 -4.67
CA GLN B 30 8.45 -0.12 -4.82
C GLN B 30 8.93 1.17 -4.15
N ARG B 31 10.14 1.13 -3.58
CA ARG B 31 10.81 2.35 -3.11
C ARG B 31 11.36 3.13 -4.29
N GLU B 32 11.36 4.47 -4.15
CA GLU B 32 11.75 5.38 -5.22
C GLU B 32 13.18 5.12 -5.67
N TRP B 33 13.35 4.95 -6.98
CA TRP B 33 14.67 4.94 -7.59
C TRP B 33 14.63 5.84 -8.82
N ASP B 34 15.60 6.73 -8.94
CA ASP B 34 15.48 7.89 -9.82
C ASP B 34 16.18 7.82 -11.18
N THR B 35 17.10 6.87 -11.37
N THR B 35 17.13 6.89 -11.36
CA THR B 35 17.84 6.74 -12.62
CA THR B 35 17.85 6.74 -12.62
C THR B 35 18.16 5.29 -12.93
C THR B 35 18.13 5.29 -12.93
N TYR B 36 18.50 5.03 -14.19
CA TYR B 36 18.93 3.71 -14.65
C TYR B 36 20.40 3.42 -14.28
N ASN B 37 21.14 4.40 -13.72
CA ASN B 37 22.58 4.27 -13.47
C ASN B 37 22.89 3.33 -12.32
N PRO B 38 24.04 2.62 -12.43
CA PRO B 38 24.45 1.77 -11.32
C PRO B 38 25.00 2.59 -10.15
N ILE B 39 24.91 1.99 -8.97
CA ILE B 39 25.74 2.37 -7.84
C ILE B 39 27.09 1.66 -8.02
N THR B 40 28.16 2.44 -8.09
CA THR B 40 29.51 1.93 -8.37
C THR B 40 30.40 1.78 -7.13
N ASP B 41 30.00 2.39 -6.02
CA ASP B 41 30.70 2.27 -4.75
C ASP B 41 29.99 1.18 -3.93
N PRO B 42 30.68 0.06 -3.61
CA PRO B 42 29.99 -1.00 -2.84
C PRO B 42 29.57 -0.61 -1.41
N THR B 43 30.14 0.47 -0.87
CA THR B 43 29.78 1.00 0.45
C THR B 43 28.88 2.25 0.38
N ASP B 44 28.30 2.53 -0.79
CA ASP B 44 27.41 3.69 -0.97
C ASP B 44 26.29 3.66 0.08
N ALA B 45 26.02 4.83 0.67
CA ALA B 45 24.99 4.96 1.71
C ALA B 45 23.58 4.49 1.26
N SER B 46 23.30 4.62 -0.04
CA SER B 46 22.01 4.26 -0.61
C SER B 46 22.00 2.92 -1.39
N ILE B 47 22.96 2.03 -1.14
CA ILE B 47 23.04 0.76 -1.86
C ILE B 47 21.89 -0.23 -1.52
N SER B 48 21.23 -0.04 -0.37
CA SER B 48 20.11 -0.89 0.02
C SER B 48 18.94 -0.82 -0.95
N CYS B 49 18.44 0.39 -1.19
CA CYS B 49 17.25 0.58 -2.05
C CYS B 49 17.44 1.64 -3.12
N ASN B 50 18.70 1.89 -3.52
CA ASN B 50 19.06 2.81 -4.60
C ASN B 50 18.91 4.27 -4.18
N ILE B 51 19.20 5.17 -5.11
CA ILE B 51 19.10 6.61 -4.91
C ILE B 51 17.79 7.12 -5.55
N ASN B 52 16.96 7.88 -4.84
CA ASN B 52 17.17 8.25 -3.42
C ASN B 52 16.69 7.16 -2.45
N GLY B 53 16.00 6.13 -2.97
CA GLY B 53 15.50 5.03 -2.14
C GLY B 53 14.33 5.43 -1.24
N ALA B 54 13.71 6.56 -1.55
CA ALA B 54 12.77 7.20 -0.62
C ALA B 54 11.42 6.49 -0.58
N SER B 55 10.86 6.46 0.62
CA SER B 55 9.46 6.12 0.83
C SER B 55 8.57 7.15 0.13
N LEU B 56 7.42 6.70 -0.36
CA LEU B 56 6.42 7.58 -0.99
C LEU B 56 5.29 8.02 -0.02
N GLY B 57 5.47 7.77 1.28
CA GLY B 57 4.53 8.24 2.30
C GLY B 57 3.16 7.59 2.19
N SER B 58 2.11 8.40 2.06
CA SER B 58 0.74 7.88 1.90
C SER B 58 0.55 7.16 0.56
N ALA B 59 1.33 7.55 -0.45
CA ALA B 59 1.34 6.85 -1.75
C ALA B 59 2.11 5.52 -1.75
N GLN B 60 2.78 5.18 -0.64
CA GLN B 60 3.56 3.96 -0.55
C GLN B 60 2.64 2.77 -0.29
N LYS B 61 2.64 1.83 -1.23
CA LYS B 61 1.88 0.59 -1.08
C LYS B 61 2.77 -0.49 -0.47
N SER B 62 2.13 -1.60 -0.08
CA SER B 62 2.80 -2.83 0.27
C SER B 62 2.03 -4.02 -0.31
N ALA B 63 2.75 -5.04 -0.77
CA ALA B 63 2.16 -6.25 -1.31
C ALA B 63 1.94 -7.26 -0.19
N THR B 64 0.70 -7.70 -0.01
CA THR B 64 0.38 -8.76 0.94
C THR B 64 0.57 -10.09 0.23
N VAL B 65 1.46 -10.93 0.78
CA VAL B 65 1.78 -12.24 0.22
C VAL B 65 2.04 -13.26 1.34
N ALA B 66 1.64 -14.51 1.12
CA ALA B 66 1.93 -15.60 2.05
C ALA B 66 3.42 -15.94 1.96
N ALA B 67 4.01 -16.33 3.09
CA ALA B 67 5.33 -16.94 3.10
C ALA B 67 5.19 -18.24 2.31
N GLY B 68 6.12 -18.49 1.40
CA GLY B 68 6.01 -19.60 0.44
C GLY B 68 5.55 -19.15 -0.95
N SER B 69 5.06 -17.91 -1.06
CA SER B 69 4.58 -17.37 -2.34
C SER B 69 5.70 -17.21 -3.36
N SER B 70 5.34 -17.30 -4.63
CA SER B 70 6.27 -17.04 -5.71
C SER B 70 6.26 -15.53 -6.01
N VAL B 71 7.46 -14.95 -6.17
CA VAL B 71 7.62 -13.53 -6.45
C VAL B 71 8.54 -13.33 -7.66
N THR B 72 8.07 -12.56 -8.63
CA THR B 72 8.81 -12.28 -9.85
C THR B 72 9.07 -10.78 -9.97
N ALA B 73 10.32 -10.43 -10.23
CA ALA B 73 10.70 -9.07 -10.60
C ALA B 73 10.90 -9.04 -12.12
N TYR B 74 10.38 -8.01 -12.77
CA TYR B 74 10.54 -7.79 -14.20
C TYR B 74 11.40 -6.55 -14.44
N TRP B 75 12.40 -6.69 -15.30
CA TRP B 75 13.29 -5.59 -15.66
C TRP B 75 12.88 -5.05 -17.02
N ASN B 76 13.48 -3.93 -17.39
CA ASN B 76 13.56 -3.50 -18.78
C ASN B 76 14.29 -4.56 -19.62
N GLN B 77 14.37 -4.33 -20.94
CA GLN B 77 15.24 -5.17 -21.77
C GLN B 77 16.69 -4.96 -21.33
N TRP B 78 17.12 -5.81 -20.41
CA TRP B 78 18.36 -5.63 -19.66
C TRP B 78 19.57 -5.89 -20.57
N PRO B 79 20.51 -4.92 -20.66
CA PRO B 79 21.61 -5.00 -21.65
C PRO B 79 22.89 -5.74 -21.22
N HIS B 80 22.98 -6.17 -19.96
CA HIS B 80 24.20 -6.77 -19.42
C HIS B 80 23.99 -8.25 -19.09
N THR B 81 25.02 -9.06 -19.32
CA THR B 81 24.94 -10.51 -19.23
C THR B 81 25.95 -11.17 -18.27
N ILE B 82 26.85 -10.40 -17.65
CA ILE B 82 27.95 -10.96 -16.86
C ILE B 82 27.86 -10.47 -15.41
N GLY B 83 27.54 -11.40 -14.51
CA GLY B 83 27.60 -11.18 -13.06
C GLY B 83 26.41 -11.82 -12.34
N PRO B 84 26.40 -11.77 -10.99
CA PRO B 84 25.37 -12.48 -10.27
C PRO B 84 24.03 -11.75 -10.17
N VAL B 85 22.98 -12.53 -9.93
CA VAL B 85 21.68 -12.03 -9.48
C VAL B 85 21.56 -12.40 -8.01
N MET B 86 20.94 -11.53 -7.21
CA MET B 86 20.74 -11.76 -5.78
C MET B 86 19.40 -11.21 -5.35
N VAL B 87 18.72 -11.96 -4.49
CA VAL B 87 17.48 -11.50 -3.86
C VAL B 87 17.61 -11.50 -2.34
N TYR B 88 17.37 -10.34 -1.73
CA TYR B 88 17.48 -10.16 -0.29
C TYR B 88 16.11 -9.86 0.30
N MET B 89 16.02 -10.04 1.61
CA MET B 89 14.86 -9.56 2.37
C MET B 89 15.34 -8.98 3.69
N ALA B 90 14.50 -8.14 4.29
CA ALA B 90 14.79 -7.56 5.61
C ALA B 90 13.50 -7.21 6.34
N ASN B 91 13.47 -7.51 7.63
CA ASN B 91 12.33 -7.17 8.46
C ASN B 91 12.40 -5.69 8.78
N CYS B 92 11.29 -4.97 8.54
CA CYS B 92 11.25 -3.53 8.74
C CYS B 92 11.19 -3.08 10.21
N GLY B 93 10.95 -4.01 11.13
CA GLY B 93 10.90 -3.69 12.58
C GLY B 93 9.82 -2.68 12.92
N GLY B 94 8.69 -2.76 12.22
CA GLY B 94 7.59 -1.82 12.30
C GLY B 94 7.00 -1.62 10.93
N ASP B 95 6.54 -0.41 10.63
CA ASP B 95 6.01 -0.05 9.31
C ASP B 95 7.18 0.12 8.34
N CYS B 96 7.11 -0.55 7.19
CA CYS B 96 8.15 -0.43 6.15
C CYS B 96 8.22 0.96 5.53
N THR B 97 7.06 1.58 5.37
CA THR B 97 6.95 2.93 4.81
C THR B 97 7.80 3.97 5.55
N THR B 98 7.94 3.83 6.86
CA THR B 98 8.74 4.77 7.67
C THR B 98 10.14 4.26 8.03
N ALA B 99 10.41 2.98 7.77
CA ALA B 99 11.72 2.38 8.07
C ALA B 99 12.86 2.92 7.20
N THR B 100 14.02 3.11 7.81
CA THR B 100 15.24 3.49 7.10
C THR B 100 15.91 2.20 6.63
N THR B 101 15.97 2.02 5.31
CA THR B 101 16.39 0.73 4.74
C THR B 101 17.86 0.42 4.99
N SER B 102 18.68 1.47 5.07
CA SER B 102 20.12 1.31 5.40
C SER B 102 20.37 0.76 6.80
N SER B 103 19.41 0.92 7.71
CA SER B 103 19.51 0.40 9.08
C SER B 103 19.08 -1.06 9.27
N LEU B 104 18.50 -1.68 8.25
CA LEU B 104 17.90 -3.00 8.42
C LEU B 104 18.93 -4.13 8.38
N GLU B 105 18.50 -5.30 8.84
CA GLU B 105 19.30 -6.52 8.83
C GLU B 105 18.83 -7.37 7.66
N TRP B 106 19.67 -7.42 6.62
CA TRP B 106 19.31 -8.05 5.35
C TRP B 106 19.79 -9.49 5.32
N PHE B 107 18.94 -10.36 4.80
CA PHE B 107 19.29 -11.75 4.56
C PHE B 107 18.99 -12.12 3.10
N LYS B 108 19.83 -12.98 2.55
CA LYS B 108 19.74 -13.42 1.16
C LYS B 108 18.86 -14.67 1.06
N ILE B 109 17.82 -14.63 0.22
CA ILE B 109 16.94 -15.80 0.00
C ILE B 109 17.20 -16.56 -1.31
N ASN B 110 17.95 -15.96 -2.24
CA ASN B 110 18.25 -16.59 -3.53
C ASN B 110 19.42 -15.87 -4.21
N GLN B 111 20.25 -16.64 -4.91
CA GLN B 111 21.27 -16.09 -5.80
C GLN B 111 21.68 -17.10 -6.87
N VAL B 112 22.11 -16.59 -8.02
CA VAL B 112 22.77 -17.39 -9.05
C VAL B 112 23.92 -16.55 -9.57
N GLY B 113 25.13 -17.11 -9.45
CA GLY B 113 26.36 -16.45 -9.90
C GLY B 113 26.83 -17.10 -11.18
N LEU B 114 28.06 -17.58 -11.20
CA LEU B 114 28.64 -18.29 -12.34
C LEU B 114 28.12 -19.72 -12.36
N VAL B 115 27.26 -20.05 -13.33
CA VAL B 115 26.56 -21.35 -13.36
C VAL B 115 27.53 -22.46 -13.82
N SER B 116 28.20 -22.23 -14.93
CA SER B 116 29.31 -23.06 -15.39
C SER B 116 30.18 -22.27 -16.39
N GLY B 117 31.30 -22.87 -16.79
CA GLY B 117 32.22 -22.21 -17.72
C GLY B 117 33.10 -21.18 -17.05
N THR B 118 33.67 -20.28 -17.86
CA THR B 118 34.63 -19.29 -17.36
C THR B 118 33.95 -17.95 -17.07
N LEU B 119 34.67 -17.03 -16.44
CA LEU B 119 34.12 -15.71 -16.10
C LEU B 119 33.64 -14.94 -17.34
N THR B 120 34.36 -15.12 -18.46
CA THR B 120 34.15 -14.37 -19.69
C THR B 120 33.31 -15.07 -20.78
N SER B 121 33.35 -16.41 -20.82
N SER B 121 33.33 -16.40 -20.83
CA SER B 121 32.57 -17.20 -21.79
CA SER B 121 32.51 -17.16 -21.79
C SER B 121 31.47 -18.09 -21.17
C SER B 121 31.54 -18.17 -21.16
N GLY B 122 31.40 -18.15 -19.84
CA GLY B 122 30.46 -19.04 -19.15
C GLY B 122 29.02 -18.54 -19.11
N THR B 123 28.20 -19.24 -18.33
CA THR B 123 26.79 -18.92 -18.16
C THR B 123 26.60 -18.31 -16.77
N TRP B 124 26.00 -17.13 -16.73
CA TRP B 124 25.79 -16.35 -15.52
C TRP B 124 24.30 -16.22 -15.20
N GLY B 125 23.99 -15.94 -13.94
CA GLY B 125 22.60 -15.71 -13.53
C GLY B 125 21.95 -14.54 -14.25
N MET B 126 22.73 -13.51 -14.52
CA MET B 126 22.25 -12.32 -15.21
C MET B 126 21.90 -12.64 -16.67
N GLY B 127 22.67 -13.54 -17.28
CA GLY B 127 22.36 -14.06 -18.62
C GLY B 127 21.09 -14.88 -18.67
N GLN B 128 20.83 -15.65 -17.60
CA GLN B 128 19.58 -16.39 -17.44
C GLN B 128 18.36 -15.47 -17.22
N LEU B 129 18.57 -14.39 -16.48
CA LEU B 129 17.54 -13.37 -16.25
C LEU B 129 17.07 -12.75 -17.58
N VAL B 130 18.02 -12.34 -18.41
CA VAL B 130 17.72 -11.78 -19.74
C VAL B 130 16.94 -12.81 -20.58
N ALA B 131 17.40 -14.06 -20.58
CA ALA B 131 16.77 -15.14 -21.36
C ALA B 131 15.35 -15.48 -20.88
N ASN B 132 15.10 -15.33 -19.58
CA ASN B 132 13.79 -15.55 -18.98
C ASN B 132 12.95 -14.28 -19.03
N ASN B 133 12.76 -13.73 -20.23
CA ASN B 133 11.91 -12.55 -20.44
C ASN B 133 12.30 -11.36 -19.54
N ASN B 134 13.60 -11.16 -19.34
CA ASN B 134 14.11 -10.10 -18.47
C ASN B 134 13.43 -10.12 -17.10
N SER B 135 13.41 -11.30 -16.48
CA SER B 135 12.72 -11.49 -15.20
C SER B 135 13.39 -12.54 -14.32
N TRP B 136 13.08 -12.46 -13.02
CA TRP B 136 13.66 -13.35 -12.03
C TRP B 136 12.57 -13.77 -11.05
N THR B 137 12.33 -15.07 -10.99
CA THR B 137 11.29 -15.64 -10.14
C THR B 137 11.90 -16.55 -9.09
N THR B 138 11.66 -16.24 -7.82
CA THR B 138 12.01 -17.13 -6.72
C THR B 138 10.94 -17.02 -5.64
N SER B 139 10.98 -17.89 -4.64
CA SER B 139 9.91 -17.95 -3.64
C SER B 139 10.35 -17.31 -2.33
N ILE B 140 9.39 -16.72 -1.62
CA ILE B 140 9.63 -16.28 -0.25
C ILE B 140 9.72 -17.58 0.59
N PRO B 141 10.75 -17.72 1.45
CA PRO B 141 10.88 -18.94 2.25
C PRO B 141 9.58 -19.35 3.00
N SER B 142 9.15 -20.58 2.78
CA SER B 142 7.90 -21.11 3.37
C SER B 142 7.80 -20.91 4.89
N SER B 143 8.94 -21.04 5.56
CA SER B 143 9.02 -20.92 7.02
C SER B 143 9.03 -19.49 7.59
N LEU B 144 9.29 -18.47 6.76
CA LEU B 144 9.57 -17.11 7.24
C LEU B 144 8.50 -16.55 8.18
N ALA B 145 8.93 -15.97 9.30
CA ALA B 145 8.03 -15.38 10.29
C ALA B 145 7.15 -14.32 9.65
N ALA B 146 5.89 -14.28 10.03
CA ALA B 146 4.97 -13.27 9.50
C ALA B 146 5.44 -11.88 9.92
N GLY B 147 5.29 -10.91 9.02
CA GLY B 147 5.71 -9.54 9.29
C GLY B 147 5.78 -8.65 8.08
N ASN B 148 6.36 -7.46 8.31
CA ASN B 148 6.58 -6.45 7.29
C ASN B 148 8.04 -6.55 6.82
N TYR B 149 8.22 -6.78 5.51
CA TYR B 149 9.55 -6.97 4.94
C TYR B 149 9.76 -6.09 3.71
N ILE B 150 11.03 -5.71 3.49
CA ILE B 150 11.46 -5.22 2.19
C ILE B 150 11.91 -6.43 1.39
N LEU B 151 11.51 -6.48 0.11
CA LEU B 151 12.00 -7.47 -0.86
C LEU B 151 12.93 -6.72 -1.80
N ARG B 152 14.17 -7.16 -1.88
CA ARG B 152 15.22 -6.44 -2.58
C ARG B 152 15.84 -7.32 -3.67
N HIS B 153 15.80 -6.83 -4.93
CA HIS B 153 16.49 -7.49 -6.04
C HIS B 153 17.73 -6.69 -6.40
N GLU B 154 18.78 -7.40 -6.81
CA GLU B 154 20.07 -6.81 -7.10
C GLU B 154 20.79 -7.53 -8.22
N LEU B 155 21.30 -6.75 -9.18
CA LEU B 155 22.18 -7.24 -10.23
C LEU B 155 23.53 -6.58 -10.03
N LEU B 156 24.58 -7.37 -10.16
CA LEU B 156 25.95 -6.89 -10.04
C LEU B 156 26.61 -7.17 -11.37
N ALA B 157 26.62 -6.18 -12.25
CA ALA B 157 27.24 -6.29 -13.56
C ALA B 157 28.75 -6.05 -13.44
N ILE B 158 29.54 -7.05 -13.83
CA ILE B 158 31.01 -7.02 -13.67
C ILE B 158 31.74 -7.06 -15.03
N HIS B 159 31.09 -6.52 -16.05
CA HIS B 159 31.65 -6.42 -17.40
C HIS B 159 32.71 -5.32 -17.57
N THR B 160 32.73 -4.33 -16.67
CA THR B 160 33.75 -3.26 -16.71
C THR B 160 34.85 -3.56 -15.68
N SER B 161 36.08 -3.76 -16.17
CA SER B 161 37.24 -4.06 -15.32
C SER B 161 37.33 -3.22 -14.05
N ASN B 162 37.24 -3.87 -12.90
CA ASN B 162 37.47 -3.24 -11.59
C ASN B 162 36.44 -2.14 -11.22
N GLN B 163 35.32 -2.08 -11.93
CA GLN B 163 34.23 -1.15 -11.66
C GLN B 163 32.95 -1.98 -11.50
N PRO B 164 32.62 -2.40 -10.25
CA PRO B 164 31.34 -3.07 -10.02
C PRO B 164 30.17 -2.14 -10.25
N GLN B 165 29.09 -2.67 -10.81
CA GLN B 165 27.88 -1.91 -11.06
C GLN B 165 26.73 -2.58 -10.34
N PHE B 166 26.33 -2.01 -9.22
CA PHE B 166 25.22 -2.53 -8.41
C PHE B 166 23.93 -1.85 -8.86
N TYR B 167 22.91 -2.65 -9.15
CA TYR B 167 21.60 -2.16 -9.54
C TYR B 167 20.55 -2.72 -8.57
N PRO B 168 20.30 -2.02 -7.45
CA PRO B 168 19.35 -2.50 -6.45
C PRO B 168 17.99 -1.81 -6.54
N GLU B 169 16.91 -2.57 -6.33
CA GLU B 169 15.58 -2.00 -6.04
C GLU B 169 14.92 -2.75 -4.92
N CYS B 170 13.93 -2.11 -4.32
CA CYS B 170 13.23 -2.60 -3.14
C CYS B 170 11.72 -2.45 -3.29
N ALA B 171 10.99 -3.46 -2.82
CA ALA B 171 9.53 -3.42 -2.71
C ALA B 171 9.12 -3.77 -1.28
N GLN B 172 8.06 -3.14 -0.80
CA GLN B 172 7.53 -3.40 0.52
C GLN B 172 6.53 -4.55 0.46
N LEU B 173 6.69 -5.52 1.36
CA LEU B 173 5.76 -6.64 1.50
C LEU B 173 5.14 -6.68 2.90
N ILE B 174 3.95 -7.28 2.97
CA ILE B 174 3.37 -7.77 4.22
C ILE B 174 3.33 -9.28 4.07
N VAL B 175 4.17 -9.99 4.83
CA VAL B 175 4.28 -11.44 4.77
C VAL B 175 3.37 -12.05 5.82
N THR B 176 2.39 -12.84 5.36
CA THR B 176 1.44 -13.51 6.25
C THR B 176 1.75 -15.00 6.33
N GLY B 177 1.28 -15.63 7.41
CA GLY B 177 1.41 -17.07 7.59
C GLY B 177 2.83 -17.44 7.99
N GLY B 178 3.33 -18.55 7.43
CA GLY B 178 4.65 -19.05 7.75
C GLY B 178 4.72 -19.86 9.03
N GLU B 179 5.94 -20.27 9.39
CA GLU B 179 6.22 -21.15 10.52
C GLU B 179 7.11 -20.43 11.56
N GLY B 180 6.99 -19.10 11.65
CA GLY B 180 7.70 -18.30 12.65
C GLY B 180 9.21 -18.27 12.63
N ALA B 181 9.82 -18.67 11.51
CA ALA B 181 11.27 -18.76 11.42
C ALA B 181 11.89 -17.41 11.06
N THR B 182 13.00 -17.08 11.73
CA THR B 182 13.84 -15.93 11.36
C THR B 182 15.27 -16.43 11.11
N PRO B 183 15.99 -15.79 10.17
CA PRO B 183 17.39 -16.19 9.93
C PRO B 183 18.31 -15.91 11.14
N PRO B 184 19.26 -16.82 11.45
CA PRO B 184 20.26 -16.55 12.49
C PRO B 184 21.17 -15.36 12.15
N ALA B 185 21.83 -14.83 13.17
CA ALA B 185 22.72 -13.67 13.04
C ALA B 185 23.81 -13.81 11.96
N SER B 186 24.29 -15.04 11.74
CA SER B 186 25.30 -15.33 10.71
C SER B 186 24.88 -14.99 9.28
N TYR B 187 23.57 -15.02 8.99
CA TYR B 187 23.05 -14.69 7.64
C TYR B 187 22.73 -13.21 7.43
N LEU B 188 22.83 -12.42 8.50
CA LEU B 188 22.34 -11.04 8.51
C LEU B 188 23.47 -10.07 8.17
N VAL B 189 23.19 -9.13 7.28
CA VAL B 189 24.17 -8.09 6.93
C VAL B 189 23.50 -6.72 6.82
N LYS B 190 24.33 -5.69 6.89
CA LYS B 190 23.92 -4.32 6.61
C LYS B 190 24.20 -3.99 5.16
N LEU B 191 23.50 -2.98 4.65
CA LEU B 191 23.70 -2.47 3.29
C LEU B 191 23.61 -0.94 3.28
N PRO B 192 24.75 -0.23 3.15
CA PRO B 192 26.10 -0.79 2.98
C PRO B 192 26.64 -1.52 4.22
N GLY B 193 27.71 -2.29 4.03
CA GLY B 193 28.34 -3.11 5.07
C GLY B 193 28.71 -4.50 4.58
N ALA B 194 27.82 -5.09 3.80
CA ALA B 194 28.00 -6.44 3.26
C ALA B 194 29.12 -6.53 2.23
N TYR B 195 29.31 -5.46 1.46
CA TYR B 195 30.22 -5.47 0.31
C TYR B 195 31.39 -4.53 0.53
N SER B 196 32.52 -4.86 -0.09
CA SER B 196 33.63 -3.92 -0.16
C SER B 196 34.50 -4.23 -1.37
N MET B 197 35.43 -3.32 -1.66
CA MET B 197 36.34 -3.50 -2.79
C MET B 197 37.44 -4.55 -2.58
N SER B 198 37.54 -5.17 -1.40
CA SER B 198 38.44 -6.31 -1.24
C SER B 198 37.72 -7.66 -1.39
N ASP B 199 36.42 -7.64 -1.69
CA ASP B 199 35.70 -8.86 -2.05
C ASP B 199 36.12 -9.31 -3.45
N PRO B 200 36.50 -10.59 -3.60
CA PRO B 200 36.98 -11.03 -4.94
C PRO B 200 35.92 -10.96 -6.03
N GLY B 201 34.65 -11.04 -5.67
CA GLY B 201 33.54 -10.88 -6.62
C GLY B 201 33.12 -9.46 -6.94
N VAL B 202 33.64 -8.47 -6.22
CA VAL B 202 33.23 -7.06 -6.37
C VAL B 202 34.27 -6.29 -7.17
N ASN B 203 35.53 -6.41 -6.76
CA ASN B 203 36.64 -5.75 -7.44
C ASN B 203 37.34 -6.80 -8.28
N ILE B 204 36.93 -6.89 -9.53
CA ILE B 204 37.32 -8.00 -10.38
C ILE B 204 37.55 -7.47 -11.80
N ASP B 205 38.52 -8.08 -12.47
CA ASP B 205 38.80 -7.85 -13.87
C ASP B 205 38.67 -9.22 -14.52
N ILE B 206 37.48 -9.50 -15.07
CA ILE B 206 37.20 -10.80 -15.69
C ILE B 206 38.16 -11.10 -16.86
N TYR B 207 38.58 -10.06 -17.57
CA TYR B 207 39.42 -10.18 -18.78
C TYR B 207 40.89 -10.53 -18.50
N SER B 208 41.33 -10.39 -17.26
CA SER B 208 42.62 -10.92 -16.82
C SER B 208 42.50 -12.32 -16.19
N HIS B 209 41.29 -12.90 -16.20
CA HIS B 209 41.02 -14.21 -15.56
C HIS B 209 40.08 -15.03 -16.43
N GLU B 210 40.43 -15.11 -17.72
CA GLU B 210 39.53 -15.68 -18.73
C GLU B 210 39.39 -17.20 -18.70
N THR B 211 40.25 -17.89 -17.95
CA THR B 211 40.14 -19.32 -17.73
C THR B 211 39.54 -19.65 -16.36
N GLU B 212 39.34 -18.63 -15.51
CA GLU B 212 38.82 -18.82 -14.16
C GLU B 212 37.37 -19.30 -14.19
N THR B 213 37.09 -20.34 -13.41
CA THR B 213 35.78 -20.99 -13.36
C THR B 213 35.07 -20.84 -12.01
N ASN B 214 35.70 -20.18 -11.03
CA ASN B 214 35.07 -19.91 -9.73
C ASN B 214 34.73 -18.43 -9.59
N TYR B 215 33.68 -18.16 -8.83
CA TYR B 215 33.27 -16.82 -8.52
C TYR B 215 32.49 -16.85 -7.22
N THR B 216 33.11 -16.35 -6.17
CA THR B 216 32.46 -16.19 -4.88
C THR B 216 31.55 -14.97 -4.94
N ILE B 217 30.25 -15.22 -4.81
CA ILE B 217 29.26 -14.18 -4.91
C ILE B 217 29.35 -13.38 -3.60
N PRO B 218 29.47 -12.04 -3.68
CA PRO B 218 29.59 -11.25 -2.44
C PRO B 218 28.34 -11.28 -1.57
N GLY B 219 28.54 -10.94 -0.30
CA GLY B 219 27.46 -10.95 0.68
C GLY B 219 27.34 -12.30 1.37
N PRO B 220 26.32 -12.45 2.22
CA PRO B 220 26.19 -13.65 3.06
C PRO B 220 25.72 -14.90 2.29
N ALA B 221 25.71 -16.03 2.99
CA ALA B 221 25.12 -17.29 2.48
C ALA B 221 23.62 -17.13 2.32
N VAL B 222 23.04 -17.96 1.46
CA VAL B 222 21.60 -17.97 1.23
C VAL B 222 20.86 -18.65 2.38
N TRP B 223 19.83 -17.97 2.90
CA TRP B 223 18.92 -18.53 3.88
C TRP B 223 17.62 -18.97 3.19
N GLN B 224 17.44 -20.29 3.08
CA GLN B 224 16.25 -20.86 2.45
C GLN B 224 15.12 -21.23 3.43
N GLY B 225 15.28 -20.91 4.73
CA GLY B 225 14.24 -21.18 5.73
C GLY B 225 14.77 -21.82 7.00
C1 NAG C . -10.42 19.12 23.74
C2 NAG C . -9.76 17.87 23.16
C3 NAG C . -8.60 17.38 24.02
C4 NAG C . -7.59 18.50 24.23
C5 NAG C . -8.28 19.67 24.91
C6 NAG C . -7.30 20.83 25.05
C7 NAG C . -11.13 16.25 21.91
C8 NAG C . -12.10 15.11 22.02
N2 NAG C . -10.70 16.76 23.07
O3 NAG C . -7.99 16.24 23.38
O4 NAG C . -6.48 18.04 25.03
O5 NAG C . -9.43 20.10 24.16
O6 NAG C . -7.97 21.98 25.58
O7 NAG C . -10.78 16.67 20.82
C1 NAG D . -36.48 9.55 2.85
C2 NAG D . -36.89 10.12 1.49
C3 NAG D . -37.45 9.04 0.58
C4 NAG D . -36.52 7.83 0.48
C5 NAG D . -36.07 7.37 1.88
C6 NAG D . -35.00 6.30 1.78
C7 NAG D . -37.60 12.49 1.54
C8 NAG D . -38.76 13.42 1.76
N2 NAG D . -37.87 11.18 1.65
O3 NAG D . -37.63 9.63 -0.71
O4 NAG D . -37.18 6.75 -0.17
O5 NAG D . -35.56 8.49 2.62
O6 NAG D . -34.67 5.84 3.10
O7 NAG D . -36.49 12.94 1.29
CU CU E . -25.69 0.43 17.05
C1 GOL F . -12.98 -5.66 15.15
O1 GOL F . -13.12 -4.39 14.50
C2 GOL F . -14.25 -6.49 15.00
O2 GOL F . -14.78 -6.43 13.66
C3 GOL F . -15.31 -6.02 15.98
O3 GOL F . -15.64 -4.66 15.69
C1 GOL G . -5.59 9.06 24.53
O1 GOL G . -4.20 9.35 24.40
C2 GOL G . -6.38 10.37 24.53
O2 GOL G . -6.02 11.19 23.42
C3 GOL G . -7.88 10.05 24.44
O3 GOL G . -8.31 9.31 25.59
C1 GOL H . -17.13 20.92 -1.82
O1 GOL H . -18.19 21.59 -2.50
C2 GOL H . -17.75 19.95 -0.82
O2 GOL H . -17.79 20.54 0.50
C3 GOL H . -16.91 18.69 -0.80
O3 GOL H . -15.61 18.99 -0.31
C1 GOL I . -30.33 14.18 -5.70
O1 GOL I . -29.25 13.33 -6.08
C2 GOL I . -30.26 14.46 -4.20
O2 GOL I . -31.39 15.25 -3.79
C3 GOL I . -28.99 15.24 -3.87
O3 GOL I . -27.88 14.36 -3.68
C1 GOL J . -17.63 16.26 34.22
O1 GOL J . -18.06 15.19 33.37
C2 GOL J . -16.22 16.72 33.84
O2 GOL J . -15.59 17.34 34.97
C3 GOL J . -16.27 17.75 32.73
O3 GOL J . -14.96 18.11 32.29
C1 GOL K . -24.48 -1.87 21.34
O1 GOL K . -25.43 -1.70 22.40
C2 GOL K . -23.96 -0.52 20.94
O2 GOL K . -24.91 0.11 20.05
C3 GOL K . -23.76 0.31 22.19
O3 GOL K . -23.24 -0.50 23.26
C1 GOL L . -31.78 18.89 16.07
C1 GOL L . -32.16 19.27 15.54
O1 GOL L . -31.95 18.16 17.29
O1 GOL L . -32.66 18.27 16.44
C2 GOL L . -31.57 17.90 14.93
C2 GOL L . -31.52 18.57 14.34
O2 GOL L . -30.30 17.26 15.10
O2 GOL L . -30.59 17.59 14.80
C3 GOL L . -31.66 18.60 13.57
C3 GOL L . -30.82 19.60 13.45
O3 GOL L . -31.46 20.01 13.68
O3 GOL L . -30.76 19.16 12.08
C1 GOL M . -36.28 6.89 6.23
O1 GOL M . -35.26 7.76 6.71
C2 GOL M . -36.47 5.73 7.19
O2 GOL M . -37.87 5.51 7.42
C3 GOL M . -35.83 4.45 6.63
O3 GOL M . -34.43 4.64 6.41
CA AKR N . -9.96 18.81 11.48
CB AKR N . -8.90 19.56 11.75
C AKR N . -9.88 17.34 11.41
O AKR N . -8.80 16.76 11.60
OXT AKR N . -10.91 16.67 11.16
CA AKR O . -33.76 -12.70 1.05
CB AKR O . -34.28 -13.70 0.36
C AKR O . -34.35 -11.33 1.06
O AKR O . -33.82 -10.46 1.77
OXT AKR O . -35.36 -11.05 0.38
NA NA P . -15.49 -0.23 -12.68
C1 NAG Q . 7.32 -10.79 -19.94
C2 NAG Q . 6.00 -11.41 -19.52
C3 NAG Q . 4.87 -10.40 -19.69
C4 NAG Q . 5.15 -9.07 -18.99
C5 NAG Q . 6.56 -8.58 -19.30
C6 NAG Q . 6.91 -7.42 -18.37
C7 NAG Q . 5.49 -13.84 -19.75
C8 NAG Q . 5.18 -14.94 -20.72
N2 NAG Q . 5.69 -12.62 -20.29
O3 NAG Q . 3.67 -10.99 -19.16
O4 NAG Q . 4.19 -8.08 -19.40
O5 NAG Q . 7.55 -9.62 -19.15
O6 NAG Q . 8.19 -6.89 -18.72
O7 NAG Q . 5.55 -14.07 -18.55
C1 NAG R . 38.70 -18.01 -7.21
C2 NAG R . 38.44 -16.70 -6.45
C3 NAG R . 39.73 -16.05 -5.94
C4 NAG R . 40.57 -17.03 -5.15
C5 NAG R . 40.81 -18.30 -5.98
C6 NAG R . 41.53 -19.35 -5.15
C7 NAG R . 36.61 -15.19 -7.11
C8 NAG R . 36.16 -14.19 -8.14
N2 NAG R . 37.81 -15.71 -7.33
O3 NAG R . 39.42 -14.94 -5.12
O4 NAG R . 41.81 -16.42 -4.78
O5 NAG R . 39.57 -18.85 -6.43
O6 NAG R . 41.81 -20.49 -5.96
O7 NAG R . 35.91 -15.47 -6.15
CU CU S . 24.39 -0.47 -17.88
C1 GOL T . 5.55 -16.14 -10.33
O1 GOL T . 6.28 -15.45 -9.31
C2 GOL T . 4.06 -15.87 -10.23
O2 GOL T . 3.54 -15.79 -11.56
C3 GOL T . 3.75 -14.60 -9.44
O3 GOL T . 2.37 -14.26 -9.58
C1 GOL U . 28.73 5.90 -6.20
O1 GOL U . 28.09 4.74 -5.70
C2 GOL U . 27.88 6.53 -7.29
O2 GOL U . 27.67 5.57 -8.34
C3 GOL U . 26.54 6.98 -6.73
O3 GOL U . 25.93 7.94 -7.61
C1 GOL V . 15.90 -9.83 9.38
O1 GOL V . 15.48 -8.50 9.07
C2 GOL V . 15.32 -10.31 10.71
O2 GOL V . 14.66 -11.56 10.51
C3 GOL V . 16.41 -10.47 11.77
O3 GOL V . 15.84 -10.37 13.08
C1 GOL W . 40.15 -10.02 -3.67
O1 GOL W . 40.64 -10.54 -2.43
C2 GOL W . 41.17 -9.08 -4.33
O2 GOL W . 41.77 -8.19 -3.37
C3 GOL W . 40.48 -8.30 -5.43
O3 GOL W . 39.57 -7.36 -4.84
C1 GOL X . 28.39 -19.32 -1.18
O1 GOL X . 27.35 -19.81 -2.02
C2 GOL X . 28.06 -17.95 -0.57
O2 GOL X . 28.96 -17.67 0.50
C3 GOL X . 28.17 -16.84 -1.61
O3 GOL X . 27.54 -15.65 -1.15
C1 GOL Y . 27.82 0.16 -18.74
O1 GOL Y . 26.52 0.56 -19.17
C2 GOL Y . 28.80 1.30 -18.97
O2 GOL Y . 28.49 2.38 -18.10
C3 GOL Y . 30.22 0.82 -18.69
O3 GOL Y . 30.34 -0.56 -19.03
C1 GOL Z . 22.62 -0.23 -22.94
O1 GOL Z . 21.21 -0.45 -23.14
C2 GOL Z . 22.89 0.53 -21.65
O2 GOL Z . 23.82 -0.21 -20.86
C3 GOL Z . 23.42 1.96 -21.86
O3 GOL Z . 24.86 2.07 -21.76
C1 GOL AA . 14.25 -20.35 -2.65
O1 GOL AA . 15.21 -21.39 -2.44
C2 GOL AA . 13.65 -19.88 -1.32
O2 GOL AA . 14.70 -19.51 -0.40
C3 GOL AA . 12.72 -20.96 -0.76
O3 GOL AA . 13.12 -21.38 0.54
C1 GOL BA . 43.62 -16.83 -17.41
O1 GOL BA . 42.86 -17.04 -16.21
C2 GOL BA . 44.34 -15.50 -17.33
O2 GOL BA . 45.66 -15.72 -16.82
C3 GOL BA . 44.39 -14.82 -18.69
O3 GOL BA . 43.09 -14.30 -19.02
CA AKR CA . 10.96 -7.12 -22.13
CB AKR CA . 10.86 -8.36 -21.67
C AKR CA . 10.75 -5.95 -21.27
O AKR CA . 10.49 -6.08 -20.06
OXT AKR CA . 10.86 -4.82 -21.78
CA AKR DA . 7.52 -7.14 11.75
CB AKR DA . 7.59 -5.90 11.33
C AKR DA . 6.69 -7.52 12.91
O AKR DA . 6.63 -8.73 13.22
OXT AKR DA . 6.05 -6.66 13.55
CA AKR EA . 15.53 -5.92 12.62
CB AKR EA . 15.58 -7.23 12.57
C AKR EA . 15.77 -5.08 11.42
O AKR EA . 16.05 -5.60 10.31
OXT AKR EA . 15.71 -3.85 11.58
#